data_1HL6
#
_entry.id   1HL6
#
_cell.length_a   140.177
_cell.length_b   140.177
_cell.length_c   68.579
_cell.angle_alpha   90.00
_cell.angle_beta   90.00
_cell.angle_gamma   90.00
#
_symmetry.space_group_name_H-M   'I 4'
#
loop_
_entity.id
_entity.type
_entity.pdbx_description
1 polymer 'CG8781 PROTEIN'
2 polymer 'MAGO NASHI PROTEIN'
3 water water
#
loop_
_entity_poly.entity_id
_entity_poly.type
_entity_poly.pdbx_seq_one_letter_code
_entity_poly.pdbx_strand_id
1 'polypeptide(L)'
;MADVLDIDNAEEFEVDEDGDQGIVRLKEKAKHRKGRGFGSDSNTREAIHSYERVRNEDDDELEPGPQRSVEGWILFVTSI
HEEAQEDEIQEKFCDYGEIKNIHLNLDRRTGFSKGYALVEYETHKQALAAKEALNGAEIMGQTIQVDWCFVKGPKRVKKS
EKRRR
;
A,C
2 'polypeptide(L)'
;MSTEDFYLRYYVGHKGKFGHEFLEFEFRPDGKLRYANNSNYKNDTMIRKEAFVHQSVMEELKRIIIDSEIMQEDDLPWPP
PDRVGRQELEIVIGDEHISFTTSKTGSLVDVNRSKDPEGLRCFYYLVQDLKCLVFSLIGLHFKIKPIPR
;
B,D
#
# COMPACT_ATOMS: atom_id res chain seq x y z
N ALA A 10 26.89 10.72 -3.03
CA ALA A 10 27.01 12.06 -2.44
C ALA A 10 28.20 12.17 -1.48
N GLU A 11 27.97 12.77 -0.32
CA GLU A 11 29.02 12.96 0.67
C GLU A 11 29.31 11.75 1.57
N GLU A 12 30.57 11.35 1.59
CA GLU A 12 31.02 10.22 2.41
C GLU A 12 30.75 10.50 3.89
N PHE A 13 30.33 9.47 4.62
CA PHE A 13 30.04 9.59 6.06
C PHE A 13 31.31 9.99 6.82
N GLU A 14 31.18 10.94 7.75
CA GLU A 14 32.32 11.35 8.55
C GLU A 14 32.83 10.15 9.35
N VAL A 15 34.14 10.09 9.58
CA VAL A 15 34.69 9.02 10.39
C VAL A 15 34.15 9.35 11.78
N ASP A 16 33.73 8.33 12.53
CA ASP A 16 33.17 8.56 13.86
C ASP A 16 33.62 7.47 14.83
N GLU A 17 34.84 7.66 15.36
CA GLU A 17 35.43 6.70 16.28
C GLU A 17 34.62 6.52 17.55
N ASP A 18 34.22 7.63 18.16
CA ASP A 18 33.43 7.56 19.39
C ASP A 18 32.17 6.76 19.13
N GLY A 19 31.39 7.21 18.15
CA GLY A 19 30.15 6.53 17.82
C GLY A 19 30.38 5.06 17.51
N ASP A 20 31.42 4.76 16.75
CA ASP A 20 31.69 3.37 16.42
C ASP A 20 31.91 2.55 17.67
N GLN A 21 32.63 3.11 18.64
CA GLN A 21 32.89 2.37 19.86
C GLN A 21 31.71 2.35 20.83
N GLY A 22 30.81 3.31 20.68
CA GLY A 22 29.64 3.32 21.53
C GLY A 22 28.83 2.09 21.12
N ILE A 23 28.77 1.86 19.82
CA ILE A 23 28.03 0.72 19.30
C ILE A 23 28.65 -0.58 19.81
N VAL A 24 29.98 -0.64 19.84
CA VAL A 24 30.68 -1.84 20.32
C VAL A 24 30.31 -2.18 21.76
N ARG A 25 30.44 -1.20 22.65
CA ARG A 25 30.11 -1.40 24.05
C ARG A 25 28.72 -1.97 24.14
N LEU A 26 27.75 -1.24 23.59
CA LEU A 26 26.35 -1.65 23.61
C LEU A 26 26.17 -3.09 23.15
N LYS A 27 26.82 -3.48 22.06
CA LYS A 27 26.69 -4.85 21.56
C LYS A 27 27.37 -5.88 22.46
N GLU A 28 28.46 -5.49 23.11
CA GLU A 28 29.14 -6.45 23.97
C GLU A 28 28.51 -6.57 25.35
N LYS A 29 27.58 -5.68 25.64
CA LYS A 29 26.87 -5.68 26.91
C LYS A 29 25.64 -6.58 26.77
N ALA A 30 25.31 -6.95 25.53
CA ALA A 30 24.17 -7.81 25.24
C ALA A 30 24.38 -9.23 25.75
N LYS A 31 23.40 -9.76 26.46
CA LYS A 31 23.52 -11.11 27.00
C LYS A 31 22.58 -12.12 26.33
N HIS A 32 21.86 -11.67 25.30
CA HIS A 32 20.95 -12.54 24.57
C HIS A 32 21.17 -12.26 23.08
N ARG A 33 21.64 -13.26 22.34
CA ARG A 33 21.93 -13.11 20.91
C ARG A 33 21.32 -14.23 20.05
N LYS A 34 20.96 -13.89 18.82
CA LYS A 34 20.41 -14.86 17.88
C LYS A 34 20.22 -14.24 16.49
N GLY A 35 20.37 -15.08 15.46
CA GLY A 35 20.23 -14.64 14.08
C GLY A 35 21.44 -15.05 13.25
N ARG A 36 21.23 -15.37 11.98
CA ARG A 36 22.33 -15.79 11.10
C ARG A 36 23.35 -14.66 10.94
N GLY A 37 23.01 -13.48 11.44
CA GLY A 37 23.91 -12.37 11.31
C GLY A 37 25.22 -12.63 12.02
N PHE A 38 25.13 -13.39 13.12
CA PHE A 38 26.32 -13.71 13.91
C PHE A 38 27.27 -14.70 13.25
N GLY A 39 26.73 -15.50 12.31
CA GLY A 39 27.52 -16.50 11.61
C GLY A 39 28.61 -15.89 10.75
N PRO A 64 20.70 18.07 22.13
CA PRO A 64 20.06 19.35 22.49
C PRO A 64 20.30 20.37 21.38
N GLY A 65 19.30 21.21 21.13
CA GLY A 65 19.44 22.20 20.08
C GLY A 65 18.77 21.72 18.81
N PRO A 66 17.75 22.42 18.30
CA PRO A 66 17.00 22.08 17.08
C PRO A 66 17.83 22.26 15.81
N GLN A 67 17.62 21.37 14.85
CA GLN A 67 18.32 21.45 13.57
C GLN A 67 17.27 21.68 12.50
N ARG A 68 17.48 22.68 11.68
CA ARG A 68 16.53 23.02 10.62
C ARG A 68 16.64 22.06 9.44
N SER A 69 15.51 21.84 8.78
CA SER A 69 15.46 20.97 7.61
C SER A 69 15.65 21.85 6.38
N VAL A 70 15.65 21.23 5.20
CA VAL A 70 15.86 21.97 3.96
C VAL A 70 14.79 23.03 3.66
N GLU A 71 13.52 22.71 3.89
CA GLU A 71 12.46 23.66 3.59
C GLU A 71 11.69 24.12 4.84
N GLY A 72 12.31 24.04 6.01
CA GLY A 72 11.61 24.46 7.21
C GLY A 72 11.94 23.70 8.48
N TRP A 73 11.10 23.87 9.49
CA TRP A 73 11.33 23.21 10.77
C TRP A 73 10.33 22.07 11.00
N ILE A 74 10.87 20.89 11.32
CA ILE A 74 10.02 19.72 11.54
C ILE A 74 9.92 19.32 12.99
N LEU A 75 8.69 19.04 13.43
CA LEU A 75 8.42 18.58 14.78
C LEU A 75 8.06 17.12 14.65
N PHE A 76 8.26 16.36 15.71
CA PHE A 76 7.93 14.94 15.72
C PHE A 76 6.84 14.75 16.77
N VAL A 77 5.66 14.32 16.34
CA VAL A 77 4.52 14.10 17.25
C VAL A 77 4.27 12.61 17.54
N THR A 78 4.14 12.26 18.81
CA THR A 78 3.91 10.87 19.22
C THR A 78 2.64 10.68 20.05
N SER A 79 2.31 9.42 20.34
CA SER A 79 1.12 9.09 21.10
C SER A 79 -0.14 9.53 20.36
N ILE A 80 -0.15 9.43 19.04
CA ILE A 80 -1.34 9.83 18.31
C ILE A 80 -2.32 8.65 18.25
N HIS A 81 -3.59 8.94 18.47
CA HIS A 81 -4.65 7.94 18.47
C HIS A 81 -4.64 7.19 17.13
N GLU A 82 -4.88 5.88 17.18
CA GLU A 82 -4.88 5.05 15.97
C GLU A 82 -5.99 5.42 14.99
N GLU A 83 -7.07 5.99 15.49
CA GLU A 83 -8.19 6.38 14.64
C GLU A 83 -8.06 7.79 14.06
N ALA A 84 -6.94 8.44 14.33
CA ALA A 84 -6.70 9.79 13.85
C ALA A 84 -6.25 9.82 12.39
N GLN A 85 -6.67 10.86 11.69
CA GLN A 85 -6.30 11.04 10.29
C GLN A 85 -5.68 12.42 10.10
N GLU A 86 -4.95 12.60 9.01
CA GLU A 86 -4.28 13.86 8.72
C GLU A 86 -5.13 15.09 9.04
N ASP A 87 -6.38 15.07 8.59
CA ASP A 87 -7.29 16.18 8.81
C ASP A 87 -7.25 16.66 10.26
N GLU A 88 -7.29 15.73 11.20
CA GLU A 88 -7.27 16.08 12.62
C GLU A 88 -5.94 16.71 13.06
N ILE A 89 -4.84 16.29 12.44
CA ILE A 89 -3.52 16.81 12.78
C ILE A 89 -3.41 18.21 12.19
N GLN A 90 -3.67 18.31 10.90
CA GLN A 90 -3.66 19.57 10.15
C GLN A 90 -4.43 20.61 10.97
N GLU A 91 -5.59 20.20 11.46
CA GLU A 91 -6.48 21.04 12.23
C GLU A 91 -5.84 21.58 13.50
N LYS A 92 -5.37 20.69 14.36
CA LYS A 92 -4.79 21.13 15.62
C LYS A 92 -3.45 21.90 15.56
N PHE A 93 -2.71 21.72 14.47
CA PHE A 93 -1.42 22.40 14.32
C PHE A 93 -1.46 23.64 13.43
N CYS A 94 -2.49 23.77 12.61
CA CYS A 94 -2.58 24.89 11.67
C CYS A 94 -2.57 26.28 12.28
N ASP A 95 -3.09 26.44 13.49
CA ASP A 95 -3.13 27.75 14.13
C ASP A 95 -1.78 28.31 14.55
N TYR A 96 -0.72 27.50 14.51
CA TYR A 96 0.58 27.99 14.94
C TYR A 96 1.53 28.45 13.86
N GLY A 97 1.14 28.35 12.60
CA GLY A 97 2.02 28.78 11.53
C GLY A 97 1.66 28.08 10.24
N GLU A 98 2.44 28.30 9.19
CA GLU A 98 2.15 27.67 7.92
C GLU A 98 2.80 26.29 7.76
N ILE A 99 1.96 25.27 7.77
CA ILE A 99 2.39 23.88 7.65
C ILE A 99 2.80 23.53 6.21
N LYS A 100 4.09 23.25 6.02
CA LYS A 100 4.65 22.90 4.71
C LYS A 100 4.40 21.44 4.32
N ASN A 101 4.31 20.58 5.33
CA ASN A 101 4.10 19.14 5.14
C ASN A 101 3.64 18.50 6.44
N ILE A 102 2.91 17.41 6.30
CA ILE A 102 2.44 16.62 7.43
C ILE A 102 2.48 15.17 7.02
N HIS A 103 3.26 14.36 7.73
CA HIS A 103 3.31 12.95 7.41
C HIS A 103 2.71 12.19 8.58
N LEU A 104 1.48 11.72 8.42
CA LEU A 104 0.83 10.91 9.44
C LEU A 104 0.85 9.50 8.83
N ASN A 105 1.95 8.80 9.03
CA ASN A 105 2.09 7.47 8.41
C ASN A 105 1.16 6.42 8.98
N LEU A 106 0.66 5.56 8.09
CA LEU A 106 -0.24 4.53 8.51
C LEU A 106 0.48 3.18 8.69
N ASP A 107 0.00 2.40 9.66
CA ASP A 107 0.46 1.08 9.94
C ASP A 107 0.30 0.25 8.67
N ARG A 108 1.34 -0.44 8.22
CA ARG A 108 1.27 -1.19 6.96
C ARG A 108 0.36 -2.40 6.94
N ARG A 109 0.02 -2.91 8.11
CA ARG A 109 -0.83 -4.08 8.17
C ARG A 109 -2.29 -3.70 8.50
N THR A 110 -2.47 -2.86 9.51
CA THR A 110 -3.80 -2.50 9.96
C THR A 110 -4.46 -1.34 9.23
N GLY A 111 -3.67 -0.46 8.63
CA GLY A 111 -4.26 0.67 7.95
C GLY A 111 -4.50 1.83 8.89
N PHE A 112 -4.50 1.58 10.20
CA PHE A 112 -4.66 2.66 11.17
C PHE A 112 -3.39 3.46 11.11
N SER A 113 -3.36 4.60 11.80
CA SER A 113 -2.15 5.38 11.78
C SER A 113 -1.15 4.80 12.79
N LYS A 114 0.11 4.79 12.42
CA LYS A 114 1.15 4.35 13.34
C LYS A 114 1.17 4.80 14.80
N GLY A 115 1.00 6.08 15.06
CA GLY A 115 1.08 6.53 16.43
C GLY A 115 1.96 7.78 16.36
N TYR A 116 2.52 8.12 15.21
CA TYR A 116 3.38 9.32 15.12
C TYR A 116 3.16 10.16 13.87
N ALA A 117 3.76 11.36 13.86
CA ALA A 117 3.64 12.23 12.70
C ALA A 117 4.74 13.31 12.64
N LEU A 118 5.12 13.68 11.42
CA LEU A 118 6.11 14.73 11.20
C LEU A 118 5.31 15.93 10.69
N VAL A 119 5.40 17.05 11.42
CA VAL A 119 4.72 18.29 11.05
C VAL A 119 5.80 19.31 10.76
N GLU A 120 5.83 19.84 9.54
CA GLU A 120 6.84 20.81 9.17
C GLU A 120 6.32 22.24 9.01
N TYR A 121 6.88 23.18 9.77
CA TYR A 121 6.47 24.57 9.67
C TYR A 121 7.45 25.35 8.83
N GLU A 122 7.05 26.57 8.47
CA GLU A 122 7.87 27.47 7.66
C GLU A 122 9.01 28.08 8.48
N THR A 123 8.72 28.45 9.72
CA THR A 123 9.70 29.09 10.60
C THR A 123 9.95 28.39 11.94
N HIS A 124 11.06 28.76 12.57
CA HIS A 124 11.42 28.23 13.86
C HIS A 124 10.42 28.72 14.91
N LYS A 125 10.01 29.98 14.79
CA LYS A 125 9.07 30.57 15.72
C LYS A 125 7.76 29.79 15.79
N GLN A 126 7.15 29.58 14.63
CA GLN A 126 5.90 28.83 14.54
C GLN A 126 6.07 27.43 15.16
N ALA A 127 7.11 26.72 14.72
CA ALA A 127 7.35 25.38 15.22
C ALA A 127 7.50 25.34 16.72
N LEU A 128 8.19 26.33 17.28
CA LEU A 128 8.41 26.40 18.73
C LEU A 128 7.09 26.69 19.45
N ALA A 129 6.28 27.58 18.88
CA ALA A 129 5.00 27.91 19.51
C ALA A 129 4.09 26.69 19.59
N ALA A 130 3.94 26.00 18.45
CA ALA A 130 3.10 24.79 18.38
C ALA A 130 3.58 23.77 19.39
N LYS A 131 4.89 23.56 19.41
CA LYS A 131 5.54 22.62 20.30
C LYS A 131 5.25 22.89 21.78
N GLU A 132 5.32 24.17 22.17
CA GLU A 132 5.08 24.56 23.55
C GLU A 132 3.60 24.45 23.92
N ALA A 133 2.73 24.71 22.95
CA ALA A 133 1.30 24.66 23.19
C ALA A 133 0.67 23.29 23.05
N LEU A 134 1.18 22.49 22.10
CA LEU A 134 0.61 21.18 21.83
C LEU A 134 1.22 20.00 22.58
N ASN A 135 2.44 20.12 23.07
CA ASN A 135 3.00 19.00 23.81
C ASN A 135 2.20 18.84 25.10
N GLY A 136 1.48 17.74 25.24
CA GLY A 136 0.68 17.54 26.44
C GLY A 136 -0.81 17.71 26.16
N ALA A 137 -1.12 18.28 25.00
CA ALA A 137 -2.50 18.46 24.61
C ALA A 137 -3.07 17.10 24.24
N GLU A 138 -4.25 17.09 23.63
CA GLU A 138 -4.84 15.82 23.26
C GLU A 138 -5.60 15.83 21.94
N ILE A 139 -5.57 14.69 21.27
CA ILE A 139 -6.25 14.51 20.01
C ILE A 139 -7.12 13.28 20.20
N MET A 140 -8.43 13.45 19.89
CA MET A 140 -9.39 12.37 20.09
C MET A 140 -9.30 11.79 21.49
N GLY A 141 -9.15 12.67 22.48
CA GLY A 141 -9.12 12.28 23.87
C GLY A 141 -7.85 11.63 24.38
N GLN A 142 -6.83 11.53 23.55
CA GLN A 142 -5.57 10.93 23.99
C GLN A 142 -4.44 11.95 24.04
N THR A 143 -3.62 11.87 25.07
CA THR A 143 -2.49 12.79 25.23
C THR A 143 -1.37 12.55 24.23
N ILE A 144 -0.91 13.61 23.58
CA ILE A 144 0.19 13.50 22.62
C ILE A 144 1.42 14.18 23.20
N GLN A 145 2.55 13.99 22.53
CA GLN A 145 3.80 14.63 22.92
C GLN A 145 4.31 15.26 21.64
N VAL A 146 5.01 16.38 21.76
CA VAL A 146 5.54 17.06 20.58
C VAL A 146 6.98 17.50 20.85
N ASP A 147 7.88 17.14 19.94
CA ASP A 147 9.29 17.47 20.09
C ASP A 147 9.92 17.88 18.77
N TRP A 148 11.20 18.25 18.84
CA TRP A 148 11.93 18.61 17.64
C TRP A 148 12.18 17.26 17.00
N CYS A 149 12.30 17.22 15.68
CA CYS A 149 12.52 15.96 15.03
C CYS A 149 14.00 15.73 14.84
N PHE A 150 14.73 16.78 14.47
CA PHE A 150 16.16 16.69 14.26
C PHE A 150 16.93 17.63 15.19
N VAL A 151 18.09 17.19 15.64
CA VAL A 151 18.90 18.05 16.51
C VAL A 151 20.34 18.13 16.03
N LYS A 152 21.15 18.89 16.76
CA LYS A 152 22.55 19.08 16.42
C LYS A 152 23.45 18.17 17.25
N GLU B 4 21.20 5.78 24.30
CA GLU B 4 22.26 5.11 25.04
C GLU B 4 22.07 3.60 25.12
N ASP B 5 20.87 3.10 24.83
CA ASP B 5 20.64 1.65 24.92
C ASP B 5 19.90 1.05 23.74
N PHE B 6 19.85 1.78 22.63
CA PHE B 6 19.14 1.29 21.46
C PHE B 6 19.96 1.39 20.20
N TYR B 7 19.82 0.42 19.36
CA TYR B 7 20.49 0.36 18.07
C TYR B 7 19.61 -0.32 17.01
N LEU B 8 19.59 0.20 15.82
CA LEU B 8 18.75 -0.34 14.76
C LEU B 8 19.49 -0.24 13.44
N ARG B 9 19.48 -1.31 12.67
CA ARG B 9 20.17 -1.35 11.40
C ARG B 9 19.41 -2.20 10.43
N TYR B 10 19.17 -1.70 9.22
CA TYR B 10 18.47 -2.46 8.16
C TYR B 10 19.16 -2.33 6.85
N TYR B 11 19.34 -3.48 6.20
CA TYR B 11 19.99 -3.56 4.91
C TYR B 11 19.27 -4.52 3.96
N VAL B 12 19.23 -4.14 2.69
CA VAL B 12 18.63 -4.94 1.64
C VAL B 12 19.35 -4.56 0.36
N GLY B 13 19.92 -5.56 -0.31
CA GLY B 13 20.64 -5.29 -1.55
C GLY B 13 21.36 -6.50 -2.11
N HIS B 14 22.16 -6.25 -3.14
CA HIS B 14 22.91 -7.25 -3.85
C HIS B 14 24.28 -6.82 -4.36
N LYS B 15 25.33 -7.55 -4.08
CA LYS B 15 26.64 -7.23 -4.61
C LYS B 15 26.98 -8.20 -5.71
N GLY B 16 27.58 -7.73 -6.79
CA GLY B 16 27.93 -8.63 -7.88
C GLY B 16 28.83 -7.95 -8.89
N LYS B 17 28.98 -8.52 -10.07
CA LYS B 17 29.87 -7.93 -11.06
C LYS B 17 29.49 -6.52 -11.53
N PHE B 18 28.21 -6.17 -11.51
CA PHE B 18 27.81 -4.83 -11.93
C PHE B 18 27.84 -3.86 -10.76
N GLY B 19 28.48 -4.27 -9.66
CA GLY B 19 28.59 -3.40 -8.50
C GLY B 19 27.82 -3.78 -7.25
N HIS B 20 27.36 -2.76 -6.52
CA HIS B 20 26.63 -2.95 -5.27
C HIS B 20 25.30 -2.20 -5.25
N GLU B 21 24.19 -2.92 -5.37
CA GLU B 21 22.87 -2.31 -5.34
C GLU B 21 22.30 -2.51 -3.93
N PHE B 22 21.95 -1.44 -3.23
CA PHE B 22 21.40 -1.61 -1.88
C PHE B 22 20.86 -0.34 -1.24
N LEU B 23 20.21 -0.55 -0.10
CA LEU B 23 19.64 0.50 0.73
C LEU B 23 20.00 0.09 2.16
N GLU B 24 20.34 1.04 2.99
CA GLU B 24 20.67 0.74 4.37
C GLU B 24 20.61 1.97 5.25
N PHE B 25 19.99 1.82 6.42
CA PHE B 25 19.93 2.89 7.38
C PHE B 25 20.34 2.36 8.74
N GLU B 26 20.96 3.22 9.51
CA GLU B 26 21.44 2.85 10.83
C GLU B 26 21.14 3.97 11.82
N PHE B 27 20.53 3.59 12.93
CA PHE B 27 20.24 4.52 14.00
C PHE B 27 21.24 4.16 15.10
N ARG B 28 22.30 4.94 15.23
CA ARG B 28 23.33 4.67 16.23
C ARG B 28 22.79 5.06 17.59
N PRO B 29 23.43 4.59 18.67
CA PRO B 29 22.99 4.88 20.04
C PRO B 29 22.82 6.36 20.41
N ASP B 30 23.67 7.23 19.87
CA ASP B 30 23.58 8.64 20.20
C ASP B 30 22.54 9.37 19.38
N GLY B 31 21.80 8.64 18.55
CA GLY B 31 20.76 9.26 17.76
C GLY B 31 21.17 9.67 16.36
N LYS B 32 22.37 9.30 15.93
CA LYS B 32 22.78 9.65 14.59
C LYS B 32 22.20 8.65 13.60
N LEU B 33 21.51 9.17 12.58
CA LEU B 33 20.94 8.36 11.53
C LEU B 33 21.81 8.42 10.28
N ARG B 34 22.20 7.27 9.77
CA ARG B 34 22.99 7.19 8.56
C ARG B 34 22.13 6.51 7.51
N TYR B 35 21.98 7.16 6.37
CA TYR B 35 21.18 6.63 5.29
C TYR B 35 22.03 6.46 4.04
N ALA B 36 22.03 5.26 3.48
CA ALA B 36 22.82 4.97 2.29
C ALA B 36 22.00 4.23 1.24
N ASN B 37 22.13 4.66 0.00
CA ASN B 37 21.37 4.05 -1.08
C ASN B 37 22.16 4.03 -2.39
N ASN B 38 22.42 2.82 -2.87
CA ASN B 38 23.12 2.62 -4.13
C ASN B 38 22.12 2.14 -5.17
N SER B 39 21.96 2.93 -6.23
CA SER B 39 21.05 2.57 -7.29
C SER B 39 21.79 1.63 -8.23
N ASN B 40 21.30 1.54 -9.46
CA ASN B 40 21.87 0.69 -10.51
C ASN B 40 21.04 -0.58 -10.69
N THR B 45 23.82 7.11 -9.70
CA THR B 45 22.92 7.45 -8.60
C THR B 45 23.39 6.84 -7.27
N MET B 46 23.65 7.71 -6.29
CA MET B 46 24.11 7.27 -4.98
C MET B 46 23.79 8.31 -3.92
N ILE B 47 23.19 7.86 -2.82
CA ILE B 47 22.85 8.79 -1.76
C ILE B 47 23.51 8.40 -0.44
N ARG B 48 24.12 9.38 0.20
CA ARG B 48 24.76 9.20 1.49
C ARG B 48 24.33 10.41 2.28
N LYS B 49 23.61 10.19 3.37
CA LYS B 49 23.12 11.28 4.22
C LYS B 49 23.23 10.96 5.70
N GLU B 50 23.53 11.98 6.51
CA GLU B 50 23.63 11.84 7.95
C GLU B 50 22.87 12.95 8.67
N ALA B 51 22.33 12.63 9.84
CA ALA B 51 21.57 13.60 10.63
C ALA B 51 21.31 13.02 12.01
N PHE B 52 21.09 13.88 12.98
CA PHE B 52 20.80 13.43 14.32
C PHE B 52 19.31 13.60 14.54
N VAL B 53 18.65 12.56 15.05
CA VAL B 53 17.22 12.67 15.29
C VAL B 53 17.04 12.91 16.79
N HIS B 54 15.93 13.56 17.15
CA HIS B 54 15.66 13.82 18.55
C HIS B 54 15.40 12.47 19.25
N GLN B 55 15.61 12.44 20.55
CA GLN B 55 15.41 11.25 21.34
C GLN B 55 14.02 10.61 21.18
N SER B 56 13.00 11.44 20.93
CA SER B 56 11.63 10.91 20.78
C SER B 56 11.46 10.04 19.54
N VAL B 57 12.23 10.33 18.50
CA VAL B 57 12.16 9.53 17.28
C VAL B 57 12.72 8.17 17.68
N MET B 58 13.87 8.18 18.36
CA MET B 58 14.50 6.94 18.83
C MET B 58 13.50 6.14 19.67
N GLU B 59 12.82 6.79 20.61
CA GLU B 59 11.85 6.08 21.45
C GLU B 59 10.67 5.54 20.65
N GLU B 60 10.30 6.22 19.56
CA GLU B 60 9.20 5.74 18.74
C GLU B 60 9.61 4.45 18.04
N LEU B 61 10.82 4.42 17.49
CA LEU B 61 11.33 3.25 16.80
C LEU B 61 11.33 2.07 17.77
N LYS B 62 11.82 2.33 18.97
CA LYS B 62 11.90 1.31 20.01
C LYS B 62 10.51 0.76 20.29
N ARG B 63 9.52 1.64 20.35
CA ARG B 63 8.15 1.22 20.60
C ARG B 63 7.61 0.35 19.47
N ILE B 64 7.83 0.79 18.25
CA ILE B 64 7.33 0.05 17.09
C ILE B 64 7.90 -1.37 17.05
N ILE B 65 9.19 -1.49 17.32
CA ILE B 65 9.88 -2.76 17.34
C ILE B 65 9.31 -3.64 18.44
N ILE B 66 9.23 -3.08 19.64
CA ILE B 66 8.69 -3.79 20.79
C ILE B 66 7.27 -4.28 20.51
N ASP B 67 6.44 -3.43 19.89
CA ASP B 67 5.07 -3.84 19.58
C ASP B 67 5.01 -4.89 18.49
N SER B 68 6.00 -4.93 17.61
CA SER B 68 5.98 -5.92 16.54
C SER B 68 6.34 -7.26 17.11
N GLU B 69 7.10 -7.23 18.21
CA GLU B 69 7.54 -8.45 18.88
C GLU B 69 8.49 -9.29 18.04
N ILE B 70 9.17 -8.66 17.10
CA ILE B 70 10.13 -9.36 16.25
C ILE B 70 11.28 -9.96 17.09
N MET B 71 11.53 -9.37 18.26
CA MET B 71 12.63 -9.82 19.12
C MET B 71 12.42 -11.24 19.61
N GLN B 72 11.18 -11.73 19.61
CA GLN B 72 10.94 -13.11 20.05
C GLN B 72 11.00 -14.11 18.91
N GLU B 73 11.16 -13.63 17.69
CA GLU B 73 11.25 -14.52 16.54
C GLU B 73 12.69 -15.00 16.41
N ASP B 74 12.93 -15.81 15.37
CA ASP B 74 14.24 -16.33 15.07
C ASP B 74 14.19 -16.52 13.56
N ASP B 75 15.34 -16.39 12.90
CA ASP B 75 15.41 -16.53 11.43
C ASP B 75 15.87 -17.88 10.87
N LEU B 76 16.20 -18.88 11.72
CA LEU B 76 16.63 -20.15 11.13
C LEU B 76 15.59 -20.70 10.17
N PRO B 77 14.27 -20.64 10.50
CA PRO B 77 13.29 -21.22 9.56
C PRO B 77 13.09 -20.46 8.27
N TRP B 78 13.57 -19.22 8.21
CA TRP B 78 13.40 -18.37 7.03
C TRP B 78 14.33 -18.65 5.86
N PRO B 79 13.89 -18.29 4.64
CA PRO B 79 14.71 -18.49 3.44
C PRO B 79 16.02 -17.77 3.69
N PRO B 80 17.15 -18.42 3.41
CA PRO B 80 18.43 -17.76 3.64
C PRO B 80 18.76 -16.77 2.54
N PRO B 81 19.80 -15.94 2.74
CA PRO B 81 20.17 -14.98 1.71
C PRO B 81 20.77 -15.81 0.59
N ASP B 82 20.67 -15.35 -0.66
CA ASP B 82 21.27 -16.07 -1.79
C ASP B 82 22.12 -15.07 -2.55
N ARG B 83 22.44 -15.40 -3.79
CA ARG B 83 23.23 -14.53 -4.64
C ARG B 83 22.32 -13.69 -5.52
N VAL B 84 20.98 -13.66 -5.19
CA VAL B 84 20.04 -12.79 -5.93
C VAL B 84 19.83 -11.55 -5.11
N GLY B 85 19.86 -11.77 -3.79
CA GLY B 85 19.65 -10.67 -2.87
C GLY B 85 19.80 -11.07 -1.40
N ARG B 86 19.71 -10.07 -0.53
CA ARG B 86 19.86 -10.32 0.89
C ARG B 86 19.32 -9.17 1.75
N GLN B 87 18.76 -9.50 2.92
CA GLN B 87 18.34 -8.44 3.82
C GLN B 87 18.74 -8.74 5.26
N GLU B 88 19.09 -7.69 5.99
CA GLU B 88 19.53 -7.87 7.37
C GLU B 88 18.83 -6.90 8.30
N LEU B 89 18.28 -7.44 9.38
CA LEU B 89 17.64 -6.62 10.37
C LEU B 89 18.42 -6.83 11.65
N GLU B 90 19.06 -5.77 12.13
CA GLU B 90 19.86 -5.86 13.34
C GLU B 90 19.34 -4.89 14.37
N ILE B 91 19.00 -5.42 15.54
CA ILE B 91 18.46 -4.60 16.60
C ILE B 91 19.04 -4.88 17.98
N VAL B 92 19.17 -3.83 18.79
CA VAL B 92 19.63 -3.98 20.17
C VAL B 92 18.67 -3.16 21.02
N ILE B 93 18.06 -3.83 22.00
CA ILE B 93 17.15 -3.19 22.93
C ILE B 93 17.48 -3.77 24.30
N GLY B 94 18.16 -2.95 25.09
CA GLY B 94 18.55 -3.38 26.43
C GLY B 94 19.53 -4.53 26.41
N ASP B 95 19.08 -5.65 26.95
CA ASP B 95 19.87 -6.85 27.07
C ASP B 95 19.83 -7.72 25.82
N GLU B 96 18.81 -7.53 25.00
CA GLU B 96 18.63 -8.35 23.81
C GLU B 96 19.22 -7.78 22.53
N HIS B 97 19.77 -8.68 21.72
CA HIS B 97 20.41 -8.33 20.47
C HIS B 97 20.04 -9.35 19.38
N ILE B 98 19.48 -8.89 18.27
CA ILE B 98 19.15 -9.80 17.18
C ILE B 98 19.81 -9.30 15.91
N SER B 99 20.22 -10.23 15.07
CA SER B 99 20.84 -9.90 13.82
C SER B 99 20.25 -10.91 12.83
N PHE B 100 19.02 -10.62 12.39
CA PHE B 100 18.32 -11.49 11.45
C PHE B 100 18.79 -11.33 10.01
N THR B 101 18.66 -12.41 9.27
CA THR B 101 19.11 -12.45 7.90
C THR B 101 18.15 -13.31 7.09
N THR B 102 17.91 -12.92 5.83
CA THR B 102 17.03 -13.64 4.92
C THR B 102 17.24 -13.10 3.50
N SER B 103 16.47 -13.59 2.53
CA SER B 103 16.59 -13.12 1.16
C SER B 103 15.73 -11.88 0.96
N LYS B 104 15.65 -11.38 -0.27
CA LYS B 104 14.81 -10.21 -0.54
C LYS B 104 13.33 -10.56 -0.37
N THR B 105 12.57 -9.67 0.27
CA THR B 105 11.14 -9.88 0.55
C THR B 105 10.85 -11.31 1.00
N LEU B 108 2.90 -10.52 1.67
CA LEU B 108 3.22 -11.15 0.40
C LEU B 108 2.86 -12.64 0.41
N VAL B 109 2.40 -13.15 -0.72
CA VAL B 109 2.00 -14.54 -0.85
C VAL B 109 3.10 -15.57 -0.56
N ASP B 110 4.35 -15.22 -0.84
CA ASP B 110 5.48 -16.13 -0.61
C ASP B 110 5.61 -16.57 0.85
N VAL B 111 5.62 -15.60 1.76
CA VAL B 111 5.76 -15.88 3.19
C VAL B 111 4.75 -16.90 3.69
N ASN B 112 3.52 -16.82 3.18
CA ASN B 112 2.46 -17.71 3.60
C ASN B 112 2.67 -19.21 3.47
N ARG B 113 3.30 -19.66 2.38
CA ARG B 113 3.53 -21.09 2.21
C ARG B 113 4.92 -21.53 2.68
N SER B 114 5.63 -20.65 3.39
CA SER B 114 6.96 -20.97 3.89
C SER B 114 6.88 -21.47 5.33
N LYS B 115 8.03 -21.76 5.92
CA LYS B 115 8.08 -22.19 7.31
C LYS B 115 7.94 -20.93 8.16
N ASP B 116 7.11 -20.97 9.20
CA ASP B 116 6.95 -19.81 10.05
C ASP B 116 6.40 -18.60 9.29
N PRO B 117 5.22 -18.73 8.67
CA PRO B 117 4.63 -17.63 7.92
C PRO B 117 4.33 -16.44 8.83
N GLU B 118 3.85 -16.72 10.04
CA GLU B 118 3.53 -15.66 10.99
C GLU B 118 4.76 -14.81 11.32
N GLY B 119 5.89 -15.49 11.54
CA GLY B 119 7.12 -14.79 11.86
C GLY B 119 7.67 -14.00 10.69
N LEU B 120 7.64 -14.58 9.50
CA LEU B 120 8.15 -13.90 8.31
C LEU B 120 7.24 -12.77 7.87
N ARG B 121 5.96 -12.87 8.25
CA ARG B 121 4.97 -11.85 7.92
C ARG B 121 5.23 -10.66 8.83
N CYS B 122 5.50 -10.97 10.10
CA CYS B 122 5.80 -9.97 11.11
C CYS B 122 7.06 -9.20 10.70
N PHE B 123 8.06 -9.94 10.24
CA PHE B 123 9.31 -9.34 9.79
C PHE B 123 9.00 -8.43 8.62
N TYR B 124 8.20 -8.94 7.68
CA TYR B 124 7.82 -8.19 6.49
C TYR B 124 7.12 -6.85 6.78
N TYR B 125 6.15 -6.86 7.68
CA TYR B 125 5.41 -5.64 8.03
C TYR B 125 6.25 -4.66 8.84
N LEU B 126 7.12 -5.18 9.70
CA LEU B 126 7.97 -4.32 10.52
C LEU B 126 8.95 -3.59 9.61
N VAL B 127 9.47 -4.30 8.61
CA VAL B 127 10.40 -3.68 7.68
C VAL B 127 9.69 -2.57 6.90
N GLN B 128 8.43 -2.79 6.52
CA GLN B 128 7.71 -1.74 5.80
C GLN B 128 7.45 -0.54 6.73
N ASP B 129 7.07 -0.80 7.98
CA ASP B 129 6.83 0.30 8.93
C ASP B 129 8.11 1.11 9.20
N LEU B 130 9.25 0.43 9.34
CA LEU B 130 10.53 1.11 9.59
C LEU B 130 11.00 1.93 8.38
N LYS B 131 10.91 1.34 7.18
CA LYS B 131 11.28 2.02 5.94
C LYS B 131 10.46 3.30 5.82
N CYS B 132 9.19 3.17 6.15
CA CYS B 132 8.25 4.27 6.06
C CYS B 132 8.68 5.46 6.92
N LEU B 133 9.15 5.18 8.13
CA LEU B 133 9.59 6.22 9.05
C LEU B 133 10.85 6.89 8.50
N VAL B 134 11.81 6.06 8.07
CA VAL B 134 13.08 6.55 7.54
C VAL B 134 12.88 7.40 6.27
N PHE B 135 12.08 6.90 5.32
CA PHE B 135 11.79 7.64 4.11
C PHE B 135 11.15 9.00 4.44
N SER B 136 10.31 9.03 5.47
CA SER B 136 9.71 10.29 5.87
C SER B 136 10.77 11.24 6.45
N LEU B 137 11.63 10.71 7.33
CA LEU B 137 12.67 11.52 7.95
C LEU B 137 13.60 12.13 6.91
N ILE B 138 14.16 11.27 6.05
CA ILE B 138 15.08 11.67 5.00
C ILE B 138 14.40 12.52 3.94
N GLY B 139 13.29 12.02 3.40
CA GLY B 139 12.57 12.77 2.39
C GLY B 139 12.31 14.21 2.80
N LEU B 140 11.73 14.40 4.01
CA LEU B 140 11.44 15.74 4.53
C LEU B 140 12.67 16.53 4.96
N HIS B 141 13.61 15.92 5.65
CA HIS B 141 14.79 16.69 6.11
C HIS B 141 15.75 17.11 4.98
N PHE B 142 15.86 16.28 3.93
CA PHE B 142 16.78 16.57 2.83
C PHE B 142 16.13 16.74 1.45
N LYS B 143 14.88 16.34 1.32
CA LYS B 143 14.19 16.39 0.03
C LYS B 143 14.90 15.40 -0.89
N ILE B 144 14.68 14.11 -0.61
CA ILE B 144 15.27 13.02 -1.36
C ILE B 144 14.28 11.86 -1.29
N LYS B 145 14.64 10.70 -1.83
CA LYS B 145 13.77 9.54 -1.82
C LYS B 145 14.47 8.36 -2.50
N PRO B 146 13.92 7.13 -2.34
CA PRO B 146 14.53 5.94 -2.95
C PRO B 146 14.80 6.14 -4.43
N GLU C 12 -32.01 -2.12 -19.11
CA GLU C 12 -31.97 -3.50 -18.62
C GLU C 12 -30.90 -4.28 -19.36
N PHE C 13 -30.35 -5.28 -18.69
CA PHE C 13 -29.32 -6.12 -19.28
C PHE C 13 -29.93 -6.97 -20.39
N GLU C 14 -29.29 -6.97 -21.56
CA GLU C 14 -29.77 -7.77 -22.68
C GLU C 14 -29.83 -9.21 -22.19
N VAL C 15 -30.79 -9.98 -22.68
CA VAL C 15 -30.89 -11.38 -22.26
C VAL C 15 -29.66 -12.13 -22.73
N ASP C 16 -29.17 -13.05 -21.89
CA ASP C 16 -27.98 -13.82 -22.24
C ASP C 16 -28.10 -15.25 -21.71
N GLU C 17 -29.01 -16.01 -22.31
CA GLU C 17 -29.27 -17.41 -21.93
C GLU C 17 -28.01 -18.26 -21.85
N ASP C 18 -27.25 -18.27 -22.93
CA ASP C 18 -26.01 -19.05 -23.02
C ASP C 18 -24.93 -18.53 -22.09
N GLY C 19 -24.87 -17.22 -21.91
CA GLY C 19 -23.88 -16.64 -21.03
C GLY C 19 -24.15 -17.11 -19.62
N ASP C 20 -25.43 -17.07 -19.23
CA ASP C 20 -25.85 -17.52 -17.90
C ASP C 20 -25.55 -19.00 -17.76
N GLN C 21 -25.78 -19.75 -18.83
CA GLN C 21 -25.54 -21.18 -18.83
C GLN C 21 -24.04 -21.47 -18.69
N GLY C 22 -23.22 -20.63 -19.33
CA GLY C 22 -21.79 -20.81 -19.25
C GLY C 22 -21.34 -20.73 -17.79
N ILE C 23 -21.91 -19.77 -17.07
CA ILE C 23 -21.58 -19.57 -15.67
C ILE C 23 -22.04 -20.74 -14.80
N VAL C 24 -23.26 -21.23 -14.99
CA VAL C 24 -23.77 -22.36 -14.21
C VAL C 24 -22.93 -23.62 -14.44
N ARG C 25 -22.36 -23.72 -15.63
CA ARG C 25 -21.52 -24.86 -15.96
C ARG C 25 -20.25 -24.73 -15.14
N LEU C 26 -19.59 -23.59 -15.32
CA LEU C 26 -18.33 -23.27 -14.63
C LEU C 26 -18.44 -23.56 -13.14
N LYS C 27 -19.55 -23.15 -12.52
CA LYS C 27 -19.74 -23.36 -11.09
C LYS C 27 -19.80 -24.83 -10.68
N GLU C 28 -20.56 -25.62 -11.44
CA GLU C 28 -20.71 -27.04 -11.14
C GLU C 28 -19.43 -27.83 -11.38
N LYS C 29 -18.61 -27.38 -12.31
CA LYS C 29 -17.35 -28.04 -12.61
C LYS C 29 -16.28 -27.71 -11.58
N ALA C 30 -16.68 -27.04 -10.49
CA ALA C 30 -15.76 -26.66 -9.42
C ALA C 30 -15.75 -27.67 -8.29
N LYS C 31 -14.56 -28.16 -7.97
CA LYS C 31 -14.42 -29.17 -6.91
C LYS C 31 -14.35 -28.58 -5.50
N HIS C 32 -13.83 -27.37 -5.38
CA HIS C 32 -13.72 -26.71 -4.08
C HIS C 32 -14.69 -25.55 -3.97
N ARG C 33 -15.42 -25.49 -2.85
CA ARG C 33 -16.39 -24.43 -2.61
C ARG C 33 -16.42 -24.08 -1.13
N LYS C 34 -16.52 -22.79 -0.81
CA LYS C 34 -16.60 -22.36 0.59
C LYS C 34 -17.20 -20.98 0.74
N GLY C 35 -17.87 -20.76 1.88
CA GLY C 35 -18.49 -19.47 2.14
C GLY C 35 -19.96 -19.58 2.50
N ARG C 36 -20.45 -18.63 3.29
CA ARG C 36 -21.86 -18.63 3.68
C ARG C 36 -22.75 -18.58 2.44
N GLY C 37 -22.16 -18.27 1.29
CA GLY C 37 -22.90 -18.20 0.05
C GLY C 37 -23.63 -19.48 -0.27
N PHE C 38 -22.97 -20.61 -0.05
CA PHE C 38 -23.57 -21.92 -0.32
C PHE C 38 -24.46 -22.35 0.84
N PRO C 64 -12.33 -9.94 -30.72
CA PRO C 64 -11.42 -8.97 -31.33
C PRO C 64 -12.18 -7.73 -31.80
N GLY C 65 -11.47 -6.62 -31.97
CA GLY C 65 -12.11 -5.40 -32.42
C GLY C 65 -12.36 -4.38 -31.30
N PRO C 66 -11.73 -3.19 -31.38
CA PRO C 66 -11.85 -2.11 -30.39
C PRO C 66 -13.27 -1.55 -30.28
N GLN C 67 -13.58 -0.98 -29.12
CA GLN C 67 -14.89 -0.37 -28.89
C GLN C 67 -14.64 1.04 -28.37
N ARG C 68 -15.23 2.02 -29.04
CA ARG C 68 -15.06 3.42 -28.67
C ARG C 68 -15.85 3.81 -27.43
N SER C 69 -15.26 4.66 -26.60
CA SER C 69 -15.91 5.13 -25.39
C SER C 69 -16.57 6.48 -25.66
N VAL C 70 -17.65 6.77 -24.95
CA VAL C 70 -18.40 8.02 -25.12
C VAL C 70 -17.62 9.23 -25.60
N GLU C 71 -16.45 9.52 -24.99
CA GLU C 71 -15.70 10.69 -25.39
C GLU C 71 -14.29 10.30 -25.82
N GLY C 72 -14.09 9.13 -26.40
CA GLY C 72 -12.74 8.76 -26.83
C GLY C 72 -12.45 7.27 -26.88
N TRP C 73 -11.18 6.95 -27.12
CA TRP C 73 -10.72 5.57 -27.18
C TRP C 73 -9.78 5.29 -26.01
N ILE C 74 -10.13 4.27 -25.23
CA ILE C 74 -9.35 3.92 -24.05
C ILE C 74 -8.45 2.70 -24.17
N LEU C 75 -7.21 2.85 -23.68
CA LEU C 75 -6.23 1.80 -23.67
C LEU C 75 -6.05 1.32 -22.22
N PHE C 76 -5.79 0.03 -22.05
CA PHE C 76 -5.56 -0.53 -20.73
C PHE C 76 -4.09 -0.83 -20.63
N VAL C 77 -3.40 -0.14 -19.72
CA VAL C 77 -1.97 -0.30 -19.52
C VAL C 77 -1.69 -1.13 -18.28
N THR C 78 -0.93 -2.21 -18.44
CA THR C 78 -0.58 -3.07 -17.32
C THR C 78 0.93 -3.20 -17.12
N SER C 79 1.31 -3.87 -16.05
CA SER C 79 2.70 -4.11 -15.70
C SER C 79 3.44 -2.80 -15.44
N ILE C 80 2.77 -1.83 -14.82
CA ILE C 80 3.40 -0.54 -14.51
C ILE C 80 4.18 -0.60 -13.19
N HIS C 81 5.38 -0.02 -13.18
CA HIS C 81 6.20 -0.02 -11.96
C HIS C 81 5.37 0.49 -10.78
N GLU C 82 5.52 -0.16 -9.63
CA GLU C 82 4.78 0.23 -8.43
C GLU C 82 5.07 1.62 -7.91
N GLU C 83 6.21 2.19 -8.31
CA GLU C 83 6.57 3.53 -7.84
C GLU C 83 6.30 4.58 -8.90
N ALA C 84 5.50 4.23 -9.90
CA ALA C 84 5.19 5.15 -10.96
C ALA C 84 4.04 6.07 -10.58
N GLN C 85 4.21 7.36 -10.82
CA GLN C 85 3.17 8.35 -10.54
C GLN C 85 2.58 8.81 -11.87
N GLU C 86 1.39 9.39 -11.85
CA GLU C 86 0.73 9.82 -13.08
C GLU C 86 1.64 10.67 -13.97
N ASP C 87 2.61 11.33 -13.36
CA ASP C 87 3.56 12.16 -14.11
C ASP C 87 4.32 11.36 -15.16
N GLU C 88 4.78 10.16 -14.79
CA GLU C 88 5.52 9.32 -15.72
C GLU C 88 4.64 8.78 -16.84
N ILE C 89 3.36 8.51 -16.56
CA ILE C 89 2.46 7.97 -17.57
C ILE C 89 2.18 9.03 -18.63
N GLN C 90 1.87 10.25 -18.19
CA GLN C 90 1.57 11.36 -19.10
C GLN C 90 2.80 11.60 -19.95
N GLU C 91 3.95 11.65 -19.29
CA GLU C 91 5.22 11.89 -19.93
C GLU C 91 5.44 10.99 -21.15
N LYS C 92 5.19 9.69 -20.98
CA LYS C 92 5.40 8.73 -22.07
C LYS C 92 4.22 8.48 -23.01
N PHE C 93 3.09 9.13 -22.79
CA PHE C 93 1.94 8.90 -23.68
C PHE C 93 1.44 10.13 -24.43
N CYS C 94 1.77 11.33 -23.96
CA CYS C 94 1.30 12.55 -24.61
C CYS C 94 1.70 12.67 -26.09
N ASP C 95 2.93 12.27 -26.42
CA ASP C 95 3.44 12.35 -27.77
C ASP C 95 2.62 11.67 -28.88
N TYR C 96 1.65 10.83 -28.51
CA TYR C 96 0.87 10.12 -29.51
C TYR C 96 -0.56 10.60 -29.72
N GLY C 97 -0.86 11.77 -29.19
CA GLY C 97 -2.20 12.31 -29.35
C GLY C 97 -2.61 13.13 -28.15
N GLU C 98 -3.87 13.55 -28.14
CA GLU C 98 -4.40 14.35 -27.04
C GLU C 98 -4.99 13.41 -25.99
N ILE C 99 -4.37 13.42 -24.82
CA ILE C 99 -4.81 12.58 -23.72
C ILE C 99 -5.99 13.25 -23.01
N LYS C 100 -7.16 12.64 -23.17
CA LYS C 100 -8.39 13.14 -22.56
C LYS C 100 -8.54 12.76 -21.09
N ASN C 101 -7.95 11.63 -20.71
CA ASN C 101 -8.04 11.14 -19.35
C ASN C 101 -6.98 10.09 -19.05
N ILE C 102 -6.52 10.06 -17.80
CA ILE C 102 -5.53 9.07 -17.38
C ILE C 102 -5.85 8.64 -15.96
N HIS C 103 -6.18 7.36 -15.78
CA HIS C 103 -6.44 6.86 -14.42
C HIS C 103 -5.31 5.94 -13.96
N LEU C 104 -4.52 6.40 -13.01
CA LEU C 104 -3.45 5.58 -12.45
C LEU C 104 -3.92 5.37 -11.02
N ASN C 105 -4.82 4.42 -10.83
CA ASN C 105 -5.37 4.13 -9.51
C ASN C 105 -4.31 3.65 -8.53
N LEU C 106 -4.35 4.21 -7.33
CA LEU C 106 -3.38 3.86 -6.29
C LEU C 106 -3.93 2.78 -5.35
N PHE C 112 1.75 3.79 -3.44
CA PHE C 112 2.16 3.05 -4.63
C PHE C 112 0.99 2.79 -5.57
N SER C 113 1.28 2.78 -6.86
CA SER C 113 0.25 2.51 -7.85
C SER C 113 -0.08 1.03 -7.81
N LYS C 114 -1.18 0.64 -8.45
CA LYS C 114 -1.61 -0.75 -8.42
C LYS C 114 -1.13 -1.57 -9.62
N GLY C 115 -0.35 -0.94 -10.49
CA GLY C 115 0.18 -1.65 -11.65
C GLY C 115 -0.55 -1.46 -12.96
N TYR C 116 -1.74 -0.85 -12.95
CA TYR C 116 -2.49 -0.64 -14.19
C TYR C 116 -2.99 0.78 -14.32
N ALA C 117 -3.38 1.16 -15.54
CA ALA C 117 -3.90 2.49 -15.79
C ALA C 117 -4.76 2.53 -17.06
N LEU C 118 -5.68 3.48 -17.11
CA LEU C 118 -6.53 3.67 -18.28
C LEU C 118 -6.05 4.93 -18.98
N VAL C 119 -5.95 4.90 -20.31
CA VAL C 119 -5.52 6.08 -21.05
C VAL C 119 -6.52 6.31 -22.18
N GLU C 120 -7.05 7.53 -22.26
CA GLU C 120 -8.03 7.86 -23.27
C GLU C 120 -7.52 8.90 -24.26
N TYR C 121 -7.53 8.53 -25.53
CA TYR C 121 -7.10 9.42 -26.59
C TYR C 121 -8.35 9.90 -27.33
N GLU C 122 -8.22 11.00 -28.05
CA GLU C 122 -9.33 11.56 -28.81
C GLU C 122 -9.73 10.66 -29.99
N THR C 123 -8.77 10.29 -30.83
CA THR C 123 -9.06 9.48 -32.01
C THR C 123 -8.55 8.03 -31.95
N HIS C 124 -9.12 7.19 -32.82
CA HIS C 124 -8.73 5.79 -32.90
C HIS C 124 -7.32 5.74 -33.47
N LYS C 125 -6.99 6.73 -34.29
CA LYS C 125 -5.68 6.80 -34.91
C LYS C 125 -4.59 6.95 -33.87
N GLN C 126 -4.77 7.88 -32.95
CA GLN C 126 -3.79 8.14 -31.90
C GLN C 126 -3.58 6.98 -30.93
N ALA C 127 -4.67 6.29 -30.59
CA ALA C 127 -4.57 5.18 -29.66
C ALA C 127 -3.72 4.05 -30.26
N LEU C 128 -3.98 3.73 -31.52
CA LEU C 128 -3.27 2.67 -32.21
C LEU C 128 -1.79 3.00 -32.35
N ALA C 129 -1.45 4.28 -32.38
CA ALA C 129 -0.05 4.71 -32.51
C ALA C 129 0.69 4.60 -31.19
N ALA C 130 -0.05 4.64 -30.08
CA ALA C 130 0.55 4.52 -28.76
C ALA C 130 0.65 3.03 -28.41
N LYS C 131 -0.40 2.31 -28.76
CA LYS C 131 -0.49 0.88 -28.52
C LYS C 131 0.60 0.11 -29.27
N GLU C 132 0.97 0.63 -30.43
CA GLU C 132 1.98 -0.05 -31.18
C GLU C 132 3.41 0.33 -30.75
N ALA C 133 3.67 1.61 -30.37
CA ALA C 133 5.01 2.05 -29.97
C ALA C 133 5.33 1.81 -28.50
N LEU C 134 4.31 1.82 -27.65
CA LEU C 134 4.55 1.62 -26.22
C LEU C 134 4.38 0.22 -25.65
N ASN C 135 3.66 -0.65 -26.34
CA ASN C 135 3.50 -2.02 -25.84
C ASN C 135 4.88 -2.69 -25.81
N GLY C 136 5.33 -3.08 -24.63
CA GLY C 136 6.63 -3.74 -24.52
C GLY C 136 7.74 -2.74 -24.22
N ALA C 137 7.39 -1.46 -24.26
CA ALA C 137 8.35 -0.41 -23.98
C ALA C 137 8.47 -0.41 -22.46
N GLU C 138 9.51 0.22 -21.93
CA GLU C 138 9.64 0.22 -20.48
C GLU C 138 9.64 1.58 -19.82
N ILE C 139 8.96 1.64 -18.67
CA ILE C 139 8.90 2.86 -17.87
C ILE C 139 9.64 2.53 -16.58
N MET C 140 10.56 3.40 -16.18
CA MET C 140 11.34 3.19 -14.96
C MET C 140 12.03 1.83 -14.99
N GLY C 141 12.59 1.42 -16.12
CA GLY C 141 13.29 0.17 -16.22
C GLY C 141 12.41 -1.07 -16.32
N GLN C 142 11.09 -0.90 -16.22
CA GLN C 142 10.21 -2.07 -16.32
C GLN C 142 9.30 -1.99 -17.54
N THR C 143 9.12 -3.12 -18.21
CA THR C 143 8.29 -3.18 -19.41
C THR C 143 6.79 -3.16 -19.11
N ILE C 144 6.07 -2.30 -19.82
CA ILE C 144 4.63 -2.18 -19.67
C ILE C 144 3.92 -2.85 -20.83
N GLN C 145 2.65 -3.15 -20.65
CA GLN C 145 1.84 -3.77 -21.71
C GLN C 145 0.75 -2.76 -22.02
N VAL C 146 0.38 -2.64 -23.29
CA VAL C 146 -0.67 -1.73 -23.69
C VAL C 146 -1.60 -2.48 -24.62
N ASP C 147 -2.91 -2.40 -24.34
CA ASP C 147 -3.93 -3.06 -25.14
C ASP C 147 -5.15 -2.16 -25.19
N TRP C 148 -6.16 -2.60 -25.92
CA TRP C 148 -7.41 -1.86 -25.98
C TRP C 148 -8.08 -2.19 -24.67
N CYS C 149 -8.87 -1.26 -24.14
CA CYS C 149 -9.54 -1.54 -22.89
C CYS C 149 -10.85 -2.25 -23.12
N PHE C 150 -11.61 -1.82 -24.14
CA PHE C 150 -12.91 -2.44 -24.44
C PHE C 150 -12.99 -2.97 -25.89
N VAL C 151 -13.74 -4.05 -26.07
CA VAL C 151 -13.91 -4.68 -27.38
C VAL C 151 -15.38 -4.94 -27.75
N LYS C 152 -15.62 -5.49 -28.95
CA LYS C 152 -16.98 -5.76 -29.43
C LYS C 152 -17.46 -7.21 -29.33
N ASP D 5 -11.98 -21.52 -16.26
CA ASP D 5 -12.14 -20.13 -16.63
C ASP D 5 -12.17 -19.23 -15.39
N PHE D 6 -12.75 -18.04 -15.55
CA PHE D 6 -12.81 -17.07 -14.47
C PHE D 6 -14.16 -16.35 -14.38
N TYR D 7 -14.62 -16.15 -13.15
CA TYR D 7 -15.89 -15.48 -12.91
C TYR D 7 -15.79 -14.62 -11.64
N LEU D 8 -16.35 -13.43 -11.68
CA LEU D 8 -16.33 -12.55 -10.51
C LEU D 8 -17.67 -11.85 -10.33
N ARG D 9 -18.11 -11.78 -9.09
CA ARG D 9 -19.37 -11.12 -8.79
C ARG D 9 -19.26 -10.46 -7.43
N TYR D 10 -19.67 -9.20 -7.34
CA TYR D 10 -19.65 -8.45 -6.08
C TYR D 10 -20.98 -7.74 -5.82
N TYR D 11 -21.49 -7.84 -4.59
CA TYR D 11 -22.75 -7.19 -4.25
C TYR D 11 -22.74 -6.46 -2.91
N VAL D 12 -23.29 -5.25 -2.87
CA VAL D 12 -23.40 -4.49 -1.62
C VAL D 12 -24.71 -3.69 -1.68
N GLY D 13 -25.50 -3.79 -0.61
CA GLY D 13 -26.79 -3.11 -0.55
C GLY D 13 -27.65 -3.61 0.58
N HIS D 14 -28.92 -3.17 0.59
CA HIS D 14 -29.86 -3.60 1.63
C HIS D 14 -31.32 -3.32 1.27
N LYS D 15 -32.23 -3.84 2.11
CA LYS D 15 -33.68 -3.70 1.91
C LYS D 15 -34.06 -4.21 0.54
N PHE D 18 -36.15 4.33 0.28
CA PHE D 18 -37.37 3.52 0.25
C PHE D 18 -37.06 2.05 0.00
N GLY D 19 -36.94 1.68 -1.27
CA GLY D 19 -36.68 0.29 -1.63
C GLY D 19 -35.29 -0.30 -1.50
N HIS D 20 -34.93 -1.07 -2.52
CA HIS D 20 -33.67 -1.80 -2.63
C HIS D 20 -32.51 -0.98 -3.24
N GLU D 21 -31.53 -0.60 -2.41
CA GLU D 21 -30.37 0.15 -2.90
C GLU D 21 -29.15 -0.78 -2.95
N PHE D 22 -28.34 -0.67 -3.99
CA PHE D 22 -27.19 -1.56 -4.08
C PHE D 22 -26.26 -1.22 -5.22
N LEU D 23 -25.10 -1.85 -5.17
CA LEU D 23 -24.06 -1.75 -6.18
C LEU D 23 -23.71 -3.21 -6.48
N GLU D 24 -23.63 -3.54 -7.76
CA GLU D 24 -23.28 -4.90 -8.13
C GLU D 24 -22.67 -4.91 -9.51
N PHE D 25 -21.50 -5.53 -9.61
CA PHE D 25 -20.85 -5.64 -10.89
C PHE D 25 -20.49 -7.10 -11.04
N GLU D 26 -20.22 -7.51 -12.27
CA GLU D 26 -19.94 -8.92 -12.54
C GLU D 26 -19.11 -9.07 -13.79
N PHE D 27 -17.96 -9.71 -13.66
CA PHE D 27 -17.11 -9.94 -14.82
C PHE D 27 -17.40 -11.34 -15.30
N ARG D 28 -18.03 -11.42 -16.46
CA ARG D 28 -18.40 -12.71 -17.04
C ARG D 28 -17.22 -13.39 -17.72
N PRO D 29 -17.26 -14.74 -17.82
CA PRO D 29 -16.23 -15.58 -18.45
C PRO D 29 -15.72 -15.02 -19.77
N ASP D 30 -16.64 -14.59 -20.63
CA ASP D 30 -16.29 -14.03 -21.92
C ASP D 30 -15.74 -12.60 -21.86
N GLY D 31 -15.62 -12.04 -20.66
CA GLY D 31 -15.10 -10.69 -20.53
C GLY D 31 -16.22 -9.66 -20.57
N LYS D 32 -17.44 -10.15 -20.42
CA LYS D 32 -18.63 -9.31 -20.41
C LYS D 32 -18.74 -8.73 -18.99
N LEU D 33 -18.65 -7.40 -18.87
CA LEU D 33 -18.76 -6.74 -17.57
C LEU D 33 -20.10 -6.07 -17.34
N ARG D 34 -20.82 -6.50 -16.31
CA ARG D 34 -22.11 -5.91 -15.97
C ARG D 34 -22.07 -5.00 -14.74
N TYR D 35 -22.58 -3.78 -14.89
CA TYR D 35 -22.60 -2.81 -13.80
C TYR D 35 -24.05 -2.39 -13.50
N ALA D 36 -24.46 -2.55 -12.23
CA ALA D 36 -25.81 -2.19 -11.82
C ALA D 36 -25.81 -1.35 -10.54
N ASN D 37 -26.49 -0.22 -10.56
CA ASN D 37 -26.51 0.64 -9.38
C ASN D 37 -27.87 1.25 -9.06
N ASN D 38 -28.45 0.84 -7.93
CA ASN D 38 -29.71 1.40 -7.46
C ASN D 38 -29.30 2.35 -6.34
N SER D 39 -29.41 3.64 -6.62
CA SER D 39 -29.04 4.64 -5.64
C SER D 39 -30.06 4.79 -4.53
N ASN D 40 -29.58 5.03 -3.32
CA ASN D 40 -30.46 5.21 -2.17
C ASN D 40 -31.26 6.50 -2.39
N TYR D 41 -30.78 7.36 -3.28
CA TYR D 41 -31.44 8.62 -3.62
C TYR D 41 -32.39 8.47 -4.82
N LYS D 42 -33.69 8.70 -4.59
CA LYS D 42 -34.70 8.53 -5.63
C LYS D 42 -34.45 9.24 -6.94
N ASN D 43 -34.04 10.48 -6.85
CA ASN D 43 -33.85 11.25 -8.06
C ASN D 43 -32.74 10.88 -9.04
N ASP D 44 -31.77 10.06 -8.66
CA ASP D 44 -30.79 9.68 -9.67
C ASP D 44 -31.17 8.36 -10.34
N THR D 45 -30.98 8.33 -11.66
CA THR D 45 -31.31 7.19 -12.50
C THR D 45 -30.80 5.84 -12.04
N MET D 46 -31.61 4.82 -12.28
CA MET D 46 -31.30 3.44 -11.93
C MET D 46 -30.37 2.98 -13.04
N ILE D 47 -29.07 2.90 -12.73
CA ILE D 47 -28.08 2.55 -13.73
C ILE D 47 -27.78 1.06 -13.94
N ARG D 48 -27.56 0.72 -15.21
CA ARG D 48 -27.23 -0.63 -15.64
C ARG D 48 -26.50 -0.53 -16.97
N LYS D 49 -25.24 -0.98 -16.97
CA LYS D 49 -24.41 -0.94 -18.17
C LYS D 49 -23.76 -2.29 -18.45
N GLU D 50 -23.45 -2.52 -19.72
CA GLU D 50 -22.82 -3.75 -20.19
C GLU D 50 -21.75 -3.42 -21.22
N ALA D 51 -20.60 -4.07 -21.12
CA ALA D 51 -19.52 -3.86 -22.07
C ALA D 51 -18.54 -5.02 -21.97
N PHE D 52 -17.85 -5.30 -23.07
CA PHE D 52 -16.86 -6.36 -23.11
C PHE D 52 -15.50 -5.76 -22.85
N VAL D 53 -14.77 -6.31 -21.89
CA VAL D 53 -13.45 -5.78 -21.60
C VAL D 53 -12.41 -6.64 -22.32
N HIS D 54 -11.32 -6.02 -22.75
CA HIS D 54 -10.27 -6.74 -23.44
C HIS D 54 -9.69 -7.76 -22.47
N GLN D 55 -9.09 -8.83 -23.00
CA GLN D 55 -8.52 -9.89 -22.17
C GLN D 55 -7.55 -9.40 -21.10
N SER D 56 -6.75 -8.39 -21.43
CA SER D 56 -5.80 -7.87 -20.48
C SER D 56 -6.48 -7.37 -19.21
N VAL D 57 -7.73 -6.93 -19.31
CA VAL D 57 -8.46 -6.45 -18.14
C VAL D 57 -8.77 -7.65 -17.24
N MET D 58 -9.34 -8.70 -17.83
CA MET D 58 -9.65 -9.93 -17.08
C MET D 58 -8.41 -10.49 -16.38
N GLU D 59 -7.27 -10.42 -17.05
CA GLU D 59 -6.02 -10.93 -16.49
C GLU D 59 -5.58 -10.12 -15.28
N GLU D 60 -5.72 -8.80 -15.39
CA GLU D 60 -5.36 -7.90 -14.31
C GLU D 60 -6.27 -8.26 -13.15
N LEU D 61 -7.56 -8.38 -13.45
CA LEU D 61 -8.55 -8.73 -12.45
C LEU D 61 -8.11 -10.00 -11.70
N LYS D 62 -7.70 -11.00 -12.46
CA LYS D 62 -7.25 -12.27 -11.92
C LYS D 62 -5.98 -12.09 -11.09
N ARG D 63 -5.08 -11.25 -11.56
CA ARG D 63 -3.81 -10.99 -10.88
C ARG D 63 -4.07 -10.33 -9.52
N ILE D 64 -5.02 -9.40 -9.48
CA ILE D 64 -5.37 -8.71 -8.24
C ILE D 64 -5.98 -9.70 -7.22
N ILE D 65 -6.78 -10.64 -7.72
CA ILE D 65 -7.42 -11.62 -6.85
C ILE D 65 -6.42 -12.61 -6.26
N ILE D 66 -5.60 -13.19 -7.13
CA ILE D 66 -4.60 -14.15 -6.70
C ILE D 66 -3.69 -13.50 -5.68
N ASP D 67 -3.27 -12.27 -5.97
CA ASP D 67 -2.37 -11.51 -5.11
C ASP D 67 -2.96 -11.12 -3.75
N SER D 68 -4.28 -11.03 -3.64
CA SER D 68 -4.92 -10.67 -2.37
C SER D 68 -5.02 -11.88 -1.45
N GLU D 69 -5.03 -13.06 -2.05
CA GLU D 69 -5.13 -14.32 -1.32
C GLU D 69 -6.51 -14.53 -0.69
N ILE D 70 -7.52 -13.92 -1.30
CA ILE D 70 -8.88 -14.04 -0.80
C ILE D 70 -9.39 -15.48 -0.96
N MET D 71 -8.89 -16.19 -1.97
CA MET D 71 -9.31 -17.55 -2.24
C MET D 71 -9.08 -18.52 -1.09
N GLN D 72 -8.05 -18.30 -0.30
CA GLN D 72 -7.76 -19.17 0.83
C GLN D 72 -8.27 -18.57 2.16
N GLU D 73 -9.36 -17.81 2.09
CA GLU D 73 -9.97 -17.19 3.26
C GLU D 73 -11.29 -17.88 3.58
N ASP D 74 -11.93 -17.45 4.67
CA ASP D 74 -13.21 -18.02 5.06
C ASP D 74 -14.02 -16.97 5.80
N ASP D 75 -15.26 -16.78 5.37
CA ASP D 75 -16.17 -15.79 5.95
C ASP D 75 -16.90 -16.25 7.20
N LEU D 76 -16.73 -17.52 7.57
CA LEU D 76 -17.42 -18.06 8.74
C LEU D 76 -17.29 -17.19 10.01
N PRO D 77 -16.09 -16.63 10.25
CA PRO D 77 -15.87 -15.79 11.43
C PRO D 77 -16.33 -14.34 11.28
N TRP D 78 -16.40 -13.86 10.04
CA TRP D 78 -16.78 -12.47 9.78
C TRP D 78 -18.18 -12.12 10.24
N PRO D 79 -18.45 -10.83 10.48
CA PRO D 79 -19.79 -10.43 10.93
C PRO D 79 -20.76 -10.94 9.88
N PRO D 80 -21.99 -11.29 10.29
CA PRO D 80 -22.95 -11.78 9.31
C PRO D 80 -23.75 -10.62 8.72
N PRO D 81 -24.42 -10.85 7.60
CA PRO D 81 -25.21 -9.77 6.99
C PRO D 81 -26.39 -9.42 7.88
N ASP D 82 -26.61 -8.12 8.09
CA ASP D 82 -27.73 -7.68 8.92
C ASP D 82 -28.72 -6.95 8.01
N ARG D 83 -29.78 -6.40 8.58
CA ARG D 83 -30.80 -5.72 7.77
C ARG D 83 -30.37 -4.33 7.27
N VAL D 84 -29.35 -3.76 7.90
CA VAL D 84 -28.85 -2.45 7.49
C VAL D 84 -28.03 -2.58 6.21
N GLY D 85 -27.42 -3.75 6.01
CA GLY D 85 -26.61 -3.95 4.82
C GLY D 85 -26.06 -5.36 4.66
N ARG D 86 -25.60 -5.66 3.46
CA ARG D 86 -25.06 -6.97 3.15
C ARG D 86 -24.19 -6.94 1.91
N GLN D 87 -23.00 -7.53 1.99
CA GLN D 87 -22.18 -7.60 0.80
C GLN D 87 -21.79 -9.04 0.57
N GLU D 88 -21.57 -9.39 -0.69
CA GLU D 88 -21.19 -10.74 -1.03
C GLU D 88 -20.24 -10.74 -2.20
N LEU D 89 -19.28 -11.65 -2.14
CA LEU D 89 -18.25 -11.78 -3.17
C LEU D 89 -18.20 -13.22 -3.69
N GLU D 90 -18.41 -13.38 -4.98
CA GLU D 90 -18.38 -14.69 -5.63
C GLU D 90 -17.26 -14.73 -6.67
N ILE D 91 -16.36 -15.70 -6.52
CA ILE D 91 -15.24 -15.86 -7.43
C ILE D 91 -15.00 -17.30 -7.82
N VAL D 92 -14.87 -17.53 -9.13
CA VAL D 92 -14.59 -18.86 -9.65
C VAL D 92 -13.30 -18.79 -10.45
N ILE D 93 -12.30 -19.53 -9.99
CA ILE D 93 -11.00 -19.60 -10.67
C ILE D 93 -10.66 -21.07 -10.84
N GLY D 94 -10.79 -21.55 -12.08
CA GLY D 94 -10.49 -22.93 -12.36
C GLY D 94 -11.40 -23.87 -11.58
N ASP D 95 -10.80 -24.67 -10.70
CA ASP D 95 -11.54 -25.64 -9.91
C ASP D 95 -12.17 -25.05 -8.66
N GLU D 96 -11.65 -23.91 -8.20
CA GLU D 96 -12.16 -23.28 -6.98
C GLU D 96 -13.27 -22.25 -7.14
N HIS D 97 -14.17 -22.23 -6.18
CA HIS D 97 -15.29 -21.33 -6.19
C HIS D 97 -15.54 -20.82 -4.78
N ILE D 98 -15.47 -19.51 -4.58
CA ILE D 98 -15.74 -18.95 -3.25
C ILE D 98 -16.98 -18.06 -3.33
N SER D 99 -17.82 -18.17 -2.31
CA SER D 99 -19.04 -17.38 -2.24
C SER D 99 -19.12 -16.84 -0.82
N PHE D 100 -18.45 -15.72 -0.57
CA PHE D 100 -18.44 -15.12 0.76
C PHE D 100 -19.61 -14.19 1.05
N THR D 101 -19.90 -14.08 2.33
CA THR D 101 -20.99 -13.25 2.79
C THR D 101 -20.58 -12.46 4.03
N THR D 102 -21.21 -11.30 4.23
CA THR D 102 -20.93 -10.48 5.38
C THR D 102 -21.77 -9.21 5.36
N SER D 103 -21.61 -8.36 6.36
CA SER D 103 -22.36 -7.11 6.44
C SER D 103 -21.60 -6.00 5.71
N LYS D 104 -22.16 -4.80 5.70
CA LYS D 104 -21.46 -3.69 5.06
C LYS D 104 -20.23 -3.41 5.90
N THR D 105 -19.21 -2.80 5.30
CA THR D 105 -18.00 -2.48 6.04
C THR D 105 -17.56 -1.05 5.72
N GLY D 106 -18.08 -0.10 6.48
CA GLY D 106 -17.75 1.29 6.25
C GLY D 106 -16.52 1.78 7.00
N SER D 107 -16.19 1.12 8.11
CA SER D 107 -15.03 1.55 8.90
C SER D 107 -13.96 0.49 9.13
N LEU D 108 -12.72 0.91 8.88
CA LEU D 108 -11.59 0.01 9.13
C LEU D 108 -11.51 -0.35 10.62
N VAL D 109 -12.08 0.60 11.39
CA VAL D 109 -12.13 0.44 12.84
C VAL D 109 -12.96 -0.77 13.23
N ASP D 110 -14.06 -0.99 12.51
CA ASP D 110 -14.93 -2.12 12.79
C ASP D 110 -14.27 -3.41 12.32
N VAL D 111 -13.45 -3.29 11.29
CA VAL D 111 -12.75 -4.45 10.74
C VAL D 111 -11.73 -5.01 11.74
N ASN D 112 -10.83 -4.17 12.22
CA ASN D 112 -9.82 -4.66 13.15
C ASN D 112 -10.32 -4.94 14.57
N ARG D 113 -11.62 -4.83 14.78
CA ARG D 113 -12.19 -5.11 16.10
C ARG D 113 -13.08 -6.33 16.07
N SER D 114 -12.90 -7.14 15.03
CA SER D 114 -13.69 -8.36 14.86
C SER D 114 -12.73 -9.54 14.97
N LYS D 115 -13.25 -10.76 14.85
CA LYS D 115 -12.37 -11.91 14.90
C LYS D 115 -11.85 -12.04 13.47
N ASP D 116 -10.63 -12.53 13.34
CA ASP D 116 -10.04 -12.65 12.01
C ASP D 116 -10.01 -11.26 11.37
N PRO D 117 -9.39 -10.28 12.06
CA PRO D 117 -9.36 -8.94 11.47
C PRO D 117 -8.44 -9.00 10.25
N GLU D 118 -7.56 -10.01 10.23
CA GLU D 118 -6.63 -10.19 9.13
C GLU D 118 -7.32 -10.70 7.87
N GLY D 119 -8.31 -11.57 8.05
CA GLY D 119 -9.03 -12.08 6.91
C GLY D 119 -10.08 -11.10 6.43
N LEU D 120 -10.71 -10.43 7.37
CA LEU D 120 -11.73 -9.47 7.00
C LEU D 120 -11.08 -8.24 6.37
N ARG D 121 -9.90 -7.87 6.85
CA ARG D 121 -9.22 -6.71 6.30
C ARG D 121 -8.76 -7.01 4.87
N CYS D 122 -8.53 -8.28 4.57
CA CYS D 122 -8.11 -8.69 3.23
C CYS D 122 -9.28 -8.48 2.28
N PHE D 123 -10.45 -8.90 2.74
CA PHE D 123 -11.71 -8.78 2.00
C PHE D 123 -11.97 -7.31 1.71
N TYR D 124 -11.82 -6.50 2.76
CA TYR D 124 -12.04 -5.06 2.72
C TYR D 124 -11.21 -4.36 1.63
N TYR D 125 -9.89 -4.55 1.70
CA TYR D 125 -8.98 -3.95 0.76
C TYR D 125 -9.20 -4.45 -0.66
N LEU D 126 -9.46 -5.75 -0.79
CA LEU D 126 -9.70 -6.33 -2.10
C LEU D 126 -10.93 -5.67 -2.72
N VAL D 127 -11.98 -5.54 -1.93
CA VAL D 127 -13.21 -4.94 -2.42
C VAL D 127 -12.97 -3.50 -2.88
N GLN D 128 -12.18 -2.75 -2.12
CA GLN D 128 -11.89 -1.38 -2.51
C GLN D 128 -11.12 -1.39 -3.82
N ASP D 129 -10.17 -2.31 -3.97
CA ASP D 129 -9.38 -2.41 -5.19
C ASP D 129 -10.26 -2.77 -6.37
N LEU D 130 -11.26 -3.61 -6.13
CA LEU D 130 -12.18 -4.00 -7.18
C LEU D 130 -13.08 -2.83 -7.55
N LYS D 131 -13.60 -2.11 -6.56
CA LYS D 131 -14.46 -0.98 -6.85
C LYS D 131 -13.72 0.07 -7.68
N CYS D 132 -12.46 0.33 -7.35
CA CYS D 132 -11.66 1.31 -8.08
C CYS D 132 -11.47 0.94 -9.55
N LEU D 133 -11.31 -0.36 -9.82
CA LEU D 133 -11.13 -0.85 -11.18
C LEU D 133 -12.42 -0.62 -11.97
N VAL D 134 -13.53 -1.06 -11.40
CA VAL D 134 -14.84 -0.93 -12.02
C VAL D 134 -15.29 0.53 -12.22
N PHE D 135 -15.15 1.36 -11.20
CA PHE D 135 -15.56 2.75 -11.33
C PHE D 135 -14.76 3.41 -12.44
N SER D 136 -13.51 3.01 -12.58
CA SER D 136 -12.68 3.57 -13.65
C SER D 136 -13.16 3.03 -14.99
N LEU D 137 -13.31 1.71 -15.10
CA LEU D 137 -13.73 1.10 -16.35
C LEU D 137 -15.05 1.68 -16.87
N ILE D 138 -16.08 1.54 -16.05
CA ILE D 138 -17.42 2.03 -16.36
C ILE D 138 -17.47 3.56 -16.42
N GLY D 139 -16.87 4.21 -15.43
CA GLY D 139 -16.89 5.66 -15.37
C GLY D 139 -16.38 6.30 -16.68
N LEU D 140 -15.28 5.78 -17.20
CA LEU D 140 -14.66 6.36 -18.36
C LEU D 140 -15.29 5.86 -19.67
N HIS D 141 -15.82 4.67 -19.68
CA HIS D 141 -16.43 4.12 -20.88
C HIS D 141 -17.81 4.68 -21.18
N PHE D 142 -18.62 4.84 -20.14
CA PHE D 142 -19.98 5.34 -20.27
C PHE D 142 -20.16 6.77 -19.75
N LYS D 143 -19.35 7.15 -18.77
CA LYS D 143 -19.45 8.48 -18.16
C LYS D 143 -20.76 8.55 -17.38
N ILE D 144 -21.05 7.47 -16.65
CA ILE D 144 -22.26 7.37 -15.83
C ILE D 144 -22.22 8.35 -14.65
N LYS D 145 -23.39 8.79 -14.21
CA LYS D 145 -23.49 9.72 -13.10
C LYS D 145 -24.79 9.51 -12.33
N PRO D 146 -24.74 9.57 -11.00
CA PRO D 146 -23.55 9.83 -10.20
C PRO D 146 -22.83 8.50 -9.98
N ILE D 147 -21.72 8.54 -9.23
CA ILE D 147 -20.95 7.34 -8.95
C ILE D 147 -20.56 7.32 -7.48
N PRO D 148 -20.70 6.16 -6.81
CA PRO D 148 -20.34 6.07 -5.41
C PRO D 148 -18.86 5.67 -5.31
N ARG D 149 -18.26 5.80 -4.13
CA ARG D 149 -16.88 5.39 -3.97
C ARG D 149 -16.70 4.74 -2.62
#